data_6MB8
#
_entry.id   6MB8
#
_cell.length_a   137.256
_cell.length_b   163.897
_cell.length_c   95.126
_cell.angle_alpha   90.000
_cell.angle_beta   90.000
_cell.angle_gamma   90.000
#
_symmetry.space_group_name_H-M   'C 2 2 21'
#
loop_
_entity.id
_entity.type
_entity.pdbx_description
1 polymer 'Aac(3)-IIIb protein'
2 non-polymer 'CHLORIDE ION'
3 water water
#
_entity_poly.entity_id   1
_entity_poly.type   'polypeptide(L)'
_entity_poly.pdbx_seq_one_letter_code
;MTSATASFATRTSLAADLAALGLAWGDAIMVHAAVSRVGRLLDGPDTIIAALRDTVGPGGTVLAYADWEARYEDLVDDAG
RVPPEWREHVPPFDPQRSRAIRDNGVLPEFLRTTPGTLRSGNPGASLVALGAKAEWFTADHPLDYGYGEGSPLAKLVEAG
GKVLMLGAPLDTLTLLHHAEHLADIPGKRIKRIEVPFATPTGTQWRMIEEFDTGDPIVAGLAEDYFAGIVTEFLASGQGR
QGLIGAAPSVLVDAAAITAFGVTWLEKRFGTPSP
;
_entity_poly.pdbx_strand_id   A,B
#
loop_
_chem_comp.id
_chem_comp.type
_chem_comp.name
_chem_comp.formula
CL non-polymer 'CHLORIDE ION' 'Cl -1'
#
# COMPACT_ATOMS: atom_id res chain seq x y z
N SER A 7 -14.87 -6.67 -18.94
CA SER A 7 -13.82 -7.70 -18.91
C SER A 7 -12.48 -7.12 -18.45
N PHE A 8 -11.50 -8.00 -18.26
CA PHE A 8 -10.19 -7.60 -17.75
C PHE A 8 -9.27 -7.05 -18.83
N ALA A 9 -8.61 -5.93 -18.53
CA ALA A 9 -7.42 -5.53 -19.26
C ALA A 9 -6.24 -6.26 -18.65
N THR A 10 -5.29 -6.62 -19.49
CA THR A 10 -4.16 -7.37 -19.03
C THR A 10 -2.90 -6.57 -19.25
N ARG A 11 -1.84 -7.11 -18.70
CA ARG A 11 -0.54 -6.54 -18.91
C ARG A 11 -0.23 -6.42 -20.40
N THR A 12 -0.61 -7.42 -21.19
CA THR A 12 -0.41 -7.37 -22.63
C THR A 12 -1.26 -6.30 -23.28
N SER A 13 -2.55 -6.25 -22.95
CA SER A 13 -3.42 -5.29 -23.61
C SER A 13 -3.02 -3.86 -23.25
N LEU A 14 -2.62 -3.64 -21.99
CA LEU A 14 -2.17 -2.30 -21.61
C LEU A 14 -0.89 -1.91 -22.34
N ALA A 15 0.04 -2.86 -22.53
CA ALA A 15 1.26 -2.54 -23.26
C ALA A 15 0.94 -2.13 -24.70
N ALA A 16 -0.02 -2.80 -25.34
CA ALA A 16 -0.43 -2.39 -26.67
C ALA A 16 -0.97 -0.97 -26.67
N ASP A 17 -1.84 -0.65 -25.70
CA ASP A 17 -2.38 0.70 -25.59
C ASP A 17 -1.28 1.73 -25.37
N LEU A 18 -0.31 1.42 -24.49
CA LEU A 18 0.77 2.35 -24.21
C LEU A 18 1.63 2.59 -25.44
N ALA A 19 1.96 1.52 -26.16
CA ALA A 19 2.74 1.71 -27.38
C ALA A 19 1.97 2.55 -28.39
N ALA A 20 0.66 2.30 -28.51
CA ALA A 20 -0.18 3.03 -29.45
C ALA A 20 -0.23 4.52 -29.09
N LEU A 21 -0.19 4.83 -27.79
CA LEU A 21 -0.20 6.21 -27.34
C LEU A 21 1.13 6.90 -27.58
N GLY A 22 2.19 6.15 -27.84
CA GLY A 22 3.48 6.75 -28.15
C GLY A 22 4.61 6.45 -27.18
N LEU A 23 4.38 5.65 -26.14
CA LEU A 23 5.46 5.28 -25.22
C LEU A 23 6.45 4.37 -25.95
N ALA A 24 7.75 4.70 -25.86
CA ALA A 24 8.75 4.15 -26.77
C ALA A 24 9.77 3.29 -26.02
N TRP A 25 10.38 2.36 -26.77
CA TRP A 25 11.41 1.50 -26.21
C TRP A 25 12.56 2.32 -25.67
N GLY A 26 12.92 2.06 -24.41
CA GLY A 26 14.00 2.76 -23.76
C GLY A 26 13.61 4.02 -23.03
N ASP A 27 12.34 4.41 -23.09
CA ASP A 27 11.92 5.68 -22.48
C ASP A 27 12.08 5.63 -20.96
N ALA A 28 12.41 6.78 -20.39
CA ALA A 28 12.22 7.02 -18.97
C ALA A 28 10.82 7.61 -18.83
N ILE A 29 9.92 6.90 -18.14
CA ILE A 29 8.50 7.26 -18.11
C ILE A 29 8.06 7.46 -16.66
N MET A 30 7.63 8.68 -16.35
CA MET A 30 7.07 8.98 -15.03
C MET A 30 5.56 8.91 -15.13
N VAL A 31 4.93 8.16 -14.23
CA VAL A 31 3.49 7.91 -14.35
C VAL A 31 2.75 8.48 -13.14
N HIS A 32 1.60 9.10 -13.43
CA HIS A 32 0.58 9.46 -12.44
C HIS A 32 -0.68 8.71 -12.83
N ALA A 33 -1.28 7.98 -11.89
CA ALA A 33 -2.39 7.09 -12.26
C ALA A 33 -3.58 7.27 -11.34
N ALA A 34 -4.78 7.19 -11.94
CA ALA A 34 -6.02 6.99 -11.20
C ALA A 34 -6.43 5.56 -11.51
N VAL A 35 -6.05 4.63 -10.63
CA VAL A 35 -6.12 3.21 -10.96
C VAL A 35 -7.54 2.79 -11.32
N SER A 36 -8.53 3.30 -10.60
CA SER A 36 -9.90 2.85 -10.85
C SER A 36 -10.38 3.19 -12.26
N ARG A 37 -9.90 4.31 -12.83
CA ARG A 37 -10.33 4.68 -14.17
C ARG A 37 -9.82 3.75 -15.26
N VAL A 38 -8.82 2.92 -14.96
CA VAL A 38 -8.27 2.04 -15.99
C VAL A 38 -9.20 0.87 -16.27
N GLY A 39 -10.15 0.61 -15.39
CA GLY A 39 -11.05 -0.53 -15.53
C GLY A 39 -10.57 -1.74 -14.78
N ARG A 40 -11.15 -2.88 -15.10
CA ARG A 40 -10.79 -4.12 -14.43
C ARG A 40 -9.41 -4.59 -14.86
N LEU A 41 -8.54 -4.85 -13.88
CA LEU A 41 -7.16 -5.25 -14.11
C LEU A 41 -6.90 -6.55 -13.39
N LEU A 42 -6.29 -7.52 -14.09
CA LEU A 42 -6.09 -8.83 -13.47
C LEU A 42 -5.15 -8.78 -12.27
N ASP A 43 -4.20 -7.83 -12.22
CA ASP A 43 -3.33 -7.72 -11.05
C ASP A 43 -3.41 -6.32 -10.46
N GLY A 44 -4.54 -5.65 -10.62
CA GLY A 44 -4.73 -4.35 -9.99
C GLY A 44 -3.64 -3.36 -10.38
N PRO A 45 -3.25 -2.48 -9.46
CA PRO A 45 -2.22 -1.49 -9.80
C PRO A 45 -0.94 -2.11 -10.32
N ASP A 46 -0.58 -3.32 -9.87
CA ASP A 46 0.65 -3.93 -10.34
C ASP A 46 0.57 -4.29 -11.83
N THR A 47 -0.63 -4.43 -12.39
CA THR A 47 -0.74 -4.63 -13.82
C THR A 47 -0.20 -3.43 -14.59
N ILE A 48 -0.46 -2.23 -14.06
CA ILE A 48 0.00 -1.01 -14.70
C ILE A 48 1.52 -0.95 -14.67
N ILE A 49 2.12 -1.24 -13.51
CA ILE A 49 3.57 -1.21 -13.41
C ILE A 49 4.18 -2.20 -14.39
N ALA A 50 3.64 -3.43 -14.44
CA ALA A 50 4.19 -4.44 -15.33
C ALA A 50 4.07 -4.03 -16.79
N ALA A 51 2.92 -3.47 -17.16
CA ALA A 51 2.74 -3.05 -18.55
C ALA A 51 3.71 -1.94 -18.94
N LEU A 52 3.95 -1.00 -18.03
CA LEU A 52 4.91 0.06 -18.30
C LEU A 52 6.29 -0.52 -18.52
N ARG A 53 6.70 -1.43 -17.64
N ARG A 53 6.72 -1.43 -17.63
CA ARG A 53 8.01 -2.09 -17.80
CA ARG A 53 8.02 -2.08 -17.81
C ARG A 53 8.09 -2.84 -19.11
C ARG A 53 8.09 -2.84 -19.12
N ASP A 54 7.02 -3.54 -19.49
CA ASP A 54 7.01 -4.26 -20.76
C ASP A 54 7.17 -3.32 -21.94
N THR A 55 6.58 -2.13 -21.85
CA THR A 55 6.53 -1.23 -23.01
C THR A 55 7.86 -0.50 -23.23
N VAL A 56 8.54 -0.10 -22.16
CA VAL A 56 9.83 0.57 -22.33
C VAL A 56 10.97 -0.43 -22.44
N GLY A 57 10.74 -1.68 -22.03
CA GLY A 57 11.77 -2.71 -22.10
C GLY A 57 12.82 -2.52 -21.03
N PRO A 58 13.80 -3.43 -20.99
CA PRO A 58 14.78 -3.42 -19.88
C PRO A 58 15.64 -2.17 -19.82
N GLY A 59 15.83 -1.47 -20.94
CA GLY A 59 16.62 -0.25 -20.97
C GLY A 59 15.87 0.98 -20.55
N GLY A 60 14.56 0.86 -20.37
CA GLY A 60 13.77 1.96 -19.90
C GLY A 60 13.73 2.03 -18.38
N THR A 61 13.10 3.08 -17.88
CA THR A 61 12.98 3.30 -16.44
C THR A 61 11.58 3.78 -16.16
N VAL A 62 10.96 3.24 -15.11
CA VAL A 62 9.60 3.63 -14.70
C VAL A 62 9.71 4.42 -13.41
N LEU A 63 9.08 5.61 -13.37
CA LEU A 63 9.18 6.49 -12.21
C LEU A 63 7.81 6.91 -11.72
N ALA A 64 7.77 7.30 -10.44
CA ALA A 64 6.56 7.89 -9.87
C ALA A 64 6.96 8.88 -8.78
N TYR A 65 6.02 9.74 -8.41
CA TYR A 65 6.25 10.73 -7.35
C TYR A 65 5.89 10.09 -6.02
N ALA A 66 6.88 9.89 -5.15
CA ALA A 66 6.66 9.27 -3.86
C ALA A 66 6.24 10.26 -2.78
N ASP A 67 6.98 11.37 -2.61
CA ASP A 67 6.74 12.26 -1.47
C ASP A 67 6.87 11.43 -0.19
N TRP A 68 6.33 11.90 0.93
CA TRP A 68 6.17 11.08 2.13
C TRP A 68 5.10 11.76 2.98
N GLU A 69 4.54 11.01 3.94
CA GLU A 69 3.34 11.51 4.61
C GLU A 69 3.63 12.72 5.48
N ALA A 70 4.70 12.66 6.28
CA ALA A 70 5.13 13.80 7.13
C ALA A 70 3.95 14.41 7.90
N ARG A 71 3.20 13.56 8.58
CA ARG A 71 1.99 14.05 9.23
C ARG A 71 2.30 15.08 10.32
N TYR A 72 3.52 15.06 10.86
CA TYR A 72 3.95 16.01 11.88
C TYR A 72 3.90 17.45 11.39
N GLU A 73 3.84 17.66 10.08
CA GLU A 73 3.83 19.01 9.55
C GLU A 73 2.70 19.84 10.15
N ASP A 74 1.59 19.21 10.52
CA ASP A 74 0.49 19.95 11.15
C ASP A 74 0.91 20.58 12.48
N LEU A 75 2.00 20.13 13.07
CA LEU A 75 2.41 20.56 14.40
C LEU A 75 3.42 21.70 14.39
N VAL A 76 4.01 22.05 13.24
CA VAL A 76 5.15 22.95 13.26
C VAL A 76 4.71 24.37 13.55
N ASP A 77 5.63 25.15 14.11
CA ASP A 77 5.37 26.56 14.37
C ASP A 77 5.52 27.37 13.09
N ASP A 78 5.42 28.70 13.22
CA ASP A 78 5.41 29.55 12.03
C ASP A 78 6.78 29.62 11.35
N ALA A 79 7.83 29.22 12.04
CA ALA A 79 9.15 29.12 11.44
C ALA A 79 9.39 27.74 10.85
N GLY A 80 8.42 26.84 10.99
CA GLY A 80 8.54 25.50 10.45
C GLY A 80 9.19 24.50 11.38
N ARG A 81 9.38 24.82 12.65
CA ARG A 81 10.09 23.93 13.55
C ARG A 81 9.13 23.09 14.36
N VAL A 82 9.58 21.90 14.71
CA VAL A 82 8.77 20.96 15.48
C VAL A 82 8.89 21.32 16.95
N PRO A 83 7.79 21.50 17.66
CA PRO A 83 7.85 21.81 19.10
C PRO A 83 8.65 20.76 19.84
N PRO A 84 9.45 21.17 20.83
CA PRO A 84 10.34 20.20 21.49
C PRO A 84 9.64 18.97 22.05
N GLU A 85 8.43 19.11 22.57
CA GLU A 85 7.72 17.98 23.16
C GLU A 85 7.31 16.93 22.13
N TRP A 86 7.32 17.28 20.84
CA TRP A 86 6.93 16.34 19.79
C TRP A 86 8.12 15.71 19.08
N ARG A 87 9.31 16.29 19.21
CA ARG A 87 10.45 15.89 18.39
C ARG A 87 10.77 14.41 18.53
N GLU A 88 10.74 13.89 19.76
CA GLU A 88 11.10 12.49 19.95
C GLU A 88 10.11 11.51 19.33
N HIS A 89 8.87 11.95 19.08
CA HIS A 89 7.83 11.07 18.57
C HIS A 89 7.75 11.04 17.04
N VAL A 90 8.41 11.96 16.35
CA VAL A 90 8.22 12.09 14.91
C VAL A 90 9.04 11.03 14.20
N PRO A 91 8.43 10.20 13.36
CA PRO A 91 9.20 9.20 12.58
C PRO A 91 10.15 9.89 11.62
N PRO A 92 11.44 9.56 11.66
CA PRO A 92 12.38 10.18 10.73
C PRO A 92 12.28 9.58 9.33
N PHE A 93 12.70 10.37 8.35
CA PHE A 93 12.71 9.90 6.97
C PHE A 93 13.83 8.90 6.72
N ASP A 94 13.50 7.78 6.08
CA ASP A 94 14.47 6.78 5.64
C ASP A 94 14.07 6.44 4.21
N PRO A 95 14.90 6.76 3.21
CA PRO A 95 14.42 6.57 1.82
C PRO A 95 14.06 5.13 1.50
N GLN A 96 14.63 4.16 2.20
CA GLN A 96 14.32 2.75 1.98
C GLN A 96 13.08 2.27 2.72
N ARG A 97 12.59 3.01 3.70
CA ARG A 97 11.52 2.51 4.53
C ARG A 97 10.29 3.40 4.59
N SER A 98 10.45 4.71 4.44
CA SER A 98 9.31 5.61 4.57
C SER A 98 8.31 5.37 3.44
N ARG A 99 7.03 5.28 3.78
CA ARG A 99 6.02 5.09 2.75
C ARG A 99 6.01 6.25 1.77
N ALA A 100 5.63 5.95 0.53
CA ALA A 100 5.16 7.00 -0.36
C ALA A 100 3.82 7.54 0.12
N ILE A 101 3.55 8.81 -0.15
CA ILE A 101 2.23 9.35 0.13
C ILE A 101 1.20 8.67 -0.77
N ARG A 102 -0.04 8.55 -0.27
CA ARG A 102 -1.08 7.88 -1.02
C ARG A 102 -2.21 8.83 -1.40
N ASP A 103 -1.98 10.15 -1.27
CA ASP A 103 -3.01 11.14 -1.57
C ASP A 103 -3.54 11.03 -2.99
N ASN A 104 -2.70 10.59 -3.94
CA ASN A 104 -3.09 10.49 -5.34
C ASN A 104 -3.08 9.07 -5.84
N GLY A 105 -3.40 8.13 -4.96
CA GLY A 105 -3.52 6.73 -5.30
C GLY A 105 -2.34 5.95 -4.78
N VAL A 106 -2.48 4.61 -4.90
N VAL A 106 -2.47 4.61 -4.90
CA VAL A 106 -1.49 3.70 -4.32
CA VAL A 106 -1.49 3.74 -4.30
C VAL A 106 -0.35 3.36 -5.26
C VAL A 106 -0.36 3.37 -5.25
N LEU A 107 -0.43 3.74 -6.54
CA LEU A 107 0.60 3.28 -7.47
C LEU A 107 2.01 3.67 -7.01
N PRO A 108 2.28 4.89 -6.52
CA PRO A 108 3.65 5.18 -6.12
C PRO A 108 4.15 4.28 -5.00
N GLU A 109 3.33 4.01 -3.98
CA GLU A 109 3.74 3.11 -2.92
C GLU A 109 3.93 1.68 -3.45
N PHE A 110 3.07 1.25 -4.37
CA PHE A 110 3.23 -0.08 -4.94
C PHE A 110 4.51 -0.17 -5.76
N LEU A 111 4.84 0.90 -6.49
CA LEU A 111 6.12 0.91 -7.21
C LEU A 111 7.27 0.91 -6.22
N ARG A 112 7.16 1.71 -5.13
CA ARG A 112 8.21 1.76 -4.13
C ARG A 112 8.54 0.38 -3.56
N THR A 113 7.52 -0.47 -3.36
CA THR A 113 7.73 -1.79 -2.80
C THR A 113 7.84 -2.88 -3.87
N THR A 114 7.96 -2.53 -5.14
CA THR A 114 8.31 -3.52 -6.19
C THR A 114 9.80 -3.82 -6.09
N PRO A 115 10.24 -5.09 -6.07
CA PRO A 115 11.68 -5.34 -5.85
C PRO A 115 12.53 -4.68 -6.91
N GLY A 116 13.62 -4.05 -6.48
CA GLY A 116 14.52 -3.37 -7.37
C GLY A 116 14.31 -1.87 -7.43
N THR A 117 13.18 -1.37 -6.94
CA THR A 117 12.93 0.06 -7.03
C THR A 117 13.80 0.85 -6.06
N LEU A 118 14.29 2.00 -6.52
CA LEU A 118 15.09 2.91 -5.70
C LEU A 118 14.29 4.18 -5.43
N ARG A 119 14.64 4.87 -4.34
CA ARG A 119 13.88 6.04 -3.89
C ARG A 119 14.83 7.18 -3.52
N SER A 120 14.55 8.39 -4.01
CA SER A 120 15.53 9.47 -3.85
C SER A 120 15.48 10.08 -2.45
N GLY A 121 16.49 10.91 -2.14
CA GLY A 121 16.76 11.25 -0.76
C GLY A 121 16.12 12.50 -0.19
N ASN A 122 15.48 13.31 -1.01
CA ASN A 122 14.74 14.48 -0.53
C ASN A 122 13.32 14.02 -0.25
N PRO A 123 12.87 13.95 1.02
CA PRO A 123 11.62 13.24 1.33
C PRO A 123 10.42 13.79 0.57
N GLY A 124 10.12 15.08 0.76
CA GLY A 124 8.91 15.62 0.17
C GLY A 124 8.93 15.68 -1.35
N ALA A 125 10.12 15.76 -1.94
CA ALA A 125 10.24 15.81 -3.39
C ALA A 125 10.60 14.45 -3.98
N SER A 126 10.64 13.39 -3.16
CA SER A 126 11.28 12.16 -3.60
C SER A 126 10.52 11.48 -4.73
N LEU A 127 11.28 10.90 -5.67
CA LEU A 127 10.74 10.05 -6.71
C LEU A 127 11.18 8.61 -6.42
N VAL A 128 10.40 7.65 -6.92
CA VAL A 128 10.83 6.27 -7.01
C VAL A 128 11.15 5.99 -8.47
N ALA A 129 12.11 5.09 -8.70
CA ALA A 129 12.52 4.72 -10.06
C ALA A 129 12.88 3.25 -10.09
N LEU A 130 12.47 2.59 -11.16
CA LEU A 130 12.72 1.16 -11.35
C LEU A 130 13.18 0.93 -12.77
N GLY A 131 14.40 0.43 -12.96
CA GLY A 131 14.86 0.12 -14.30
C GLY A 131 16.29 0.58 -14.54
N ALA A 132 16.62 0.77 -15.82
CA ALA A 132 18.03 0.87 -16.23
C ALA A 132 18.72 2.07 -15.62
N LYS A 133 18.00 3.20 -15.47
CA LYS A 133 18.63 4.41 -14.96
C LYS A 133 18.13 4.77 -13.56
N ALA A 134 17.59 3.79 -12.83
CA ALA A 134 17.01 4.09 -11.52
C ALA A 134 18.03 4.69 -10.56
N GLU A 135 19.28 4.18 -10.56
CA GLU A 135 20.28 4.71 -9.64
C GLU A 135 20.58 6.18 -9.94
N TRP A 136 20.80 6.48 -11.21
CA TRP A 136 21.09 7.85 -11.62
C TRP A 136 19.92 8.77 -11.27
N PHE A 137 18.68 8.34 -11.58
CA PHE A 137 17.53 9.22 -11.33
C PHE A 137 17.37 9.55 -9.85
N THR A 138 17.76 8.64 -8.97
CA THR A 138 17.52 8.82 -7.55
C THR A 138 18.75 9.25 -6.77
N ALA A 139 19.88 9.48 -7.43
CA ALA A 139 21.11 9.82 -6.73
C ALA A 139 21.19 11.31 -6.42
N ASP A 140 21.75 11.63 -5.25
CA ASP A 140 22.18 13.01 -4.93
C ASP A 140 21.07 14.03 -5.06
N HIS A 141 19.87 13.68 -4.61
CA HIS A 141 18.76 14.62 -4.68
C HIS A 141 19.02 15.78 -3.72
N PRO A 142 19.13 17.02 -4.22
CA PRO A 142 19.41 18.13 -3.29
C PRO A 142 18.28 18.30 -2.29
N LEU A 143 18.67 18.57 -1.04
CA LEU A 143 17.67 18.69 0.03
C LEU A 143 16.99 20.05 0.03
N ASP A 144 17.70 21.12 -0.36
CA ASP A 144 17.06 22.41 -0.59
C ASP A 144 16.69 22.56 -2.06
N TYR A 145 15.55 23.20 -2.31
CA TYR A 145 15.08 23.46 -3.66
C TYR A 145 15.15 22.18 -4.49
N GLY A 146 14.50 21.15 -3.94
CA GLY A 146 14.53 19.81 -4.51
C GLY A 146 13.69 19.59 -5.74
N TYR A 147 13.06 20.62 -6.29
CA TYR A 147 12.39 20.56 -7.58
C TYR A 147 13.17 21.32 -8.65
N GLY A 148 14.42 21.68 -8.36
CA GLY A 148 15.21 22.50 -9.25
C GLY A 148 16.38 21.80 -9.91
N GLU A 149 17.50 22.49 -9.98
CA GLU A 149 18.67 21.96 -10.66
C GLU A 149 19.19 20.73 -9.94
N GLY A 150 19.59 19.72 -10.73
CA GLY A 150 20.15 18.51 -10.18
C GLY A 150 19.15 17.56 -9.55
N SER A 151 17.85 17.86 -9.63
CA SER A 151 16.82 17.03 -9.04
C SER A 151 16.45 15.88 -9.97
N PRO A 152 15.73 14.86 -9.47
CA PRO A 152 15.22 13.82 -10.40
C PRO A 152 14.37 14.39 -11.52
N LEU A 153 13.59 15.44 -11.24
CA LEU A 153 12.79 16.05 -12.30
C LEU A 153 13.67 16.71 -13.35
N ALA A 154 14.72 17.43 -12.93
CA ALA A 154 15.69 17.95 -13.89
C ALA A 154 16.31 16.82 -14.71
N LYS A 155 16.61 15.70 -14.06
CA LYS A 155 17.19 14.56 -14.78
C LYS A 155 16.21 13.96 -15.77
N LEU A 156 14.92 13.94 -15.44
CA LEU A 156 13.92 13.45 -16.39
C LEU A 156 13.93 14.31 -17.66
N VAL A 157 14.05 15.63 -17.49
CA VAL A 157 14.15 16.50 -18.65
C VAL A 157 15.44 16.23 -19.42
N GLU A 158 16.56 16.15 -18.70
CA GLU A 158 17.85 15.95 -19.34
C GLU A 158 17.88 14.67 -20.15
N ALA A 159 17.25 13.62 -19.64
CA ALA A 159 17.22 12.31 -20.28
C ALA A 159 16.22 12.20 -21.41
N GLY A 160 15.46 13.26 -21.70
CA GLY A 160 14.44 13.16 -22.71
C GLY A 160 13.30 12.25 -22.32
N GLY A 161 12.97 12.21 -21.03
CA GLY A 161 11.92 11.36 -20.54
C GLY A 161 10.53 11.89 -20.87
N LYS A 162 9.54 11.14 -20.42
CA LYS A 162 8.13 11.42 -20.68
C LYS A 162 7.34 11.34 -19.38
N VAL A 163 6.16 11.95 -19.39
CA VAL A 163 5.22 11.87 -18.28
C VAL A 163 3.89 11.35 -18.81
N LEU A 164 3.31 10.37 -18.13
CA LEU A 164 2.02 9.80 -18.49
C LEU A 164 1.01 10.09 -17.40
N MET A 165 -0.09 10.75 -17.77
CA MET A 165 -1.24 10.92 -16.90
C MET A 165 -2.21 9.80 -17.27
N LEU A 166 -2.27 8.79 -16.43
CA LEU A 166 -3.03 7.58 -16.73
C LEU A 166 -4.34 7.73 -15.97
N GLY A 167 -5.25 8.54 -16.53
CA GLY A 167 -6.50 8.87 -15.87
C GLY A 167 -6.37 9.82 -14.69
N ALA A 168 -5.15 10.20 -14.33
CA ALA A 168 -4.91 11.04 -13.17
C ALA A 168 -5.34 12.48 -13.47
N PRO A 169 -5.80 13.21 -12.46
CA PRO A 169 -6.10 14.63 -12.68
C PRO A 169 -4.88 15.36 -13.20
N LEU A 170 -5.11 16.23 -14.18
CA LEU A 170 -3.98 16.83 -14.86
C LEU A 170 -3.19 17.78 -13.97
N ASP A 171 -3.78 18.28 -12.88
CA ASP A 171 -3.05 19.15 -11.99
C ASP A 171 -2.11 18.40 -11.05
N THR A 172 -2.04 17.07 -11.14
CA THR A 172 -1.08 16.31 -10.34
C THR A 172 0.22 16.03 -11.10
N LEU A 173 0.45 16.72 -12.21
CA LEU A 173 1.68 16.55 -12.98
C LEU A 173 2.84 17.22 -12.26
N THR A 174 3.57 16.44 -11.43
CA THR A 174 4.59 16.99 -10.54
C THR A 174 5.66 17.76 -11.30
N LEU A 175 6.01 17.30 -12.50
CA LEU A 175 7.10 17.94 -13.24
C LEU A 175 6.85 19.45 -13.44
N LEU A 176 5.60 19.89 -13.48
CA LEU A 176 5.42 21.34 -13.68
C LEU A 176 5.88 22.16 -12.46
N HIS A 177 6.09 21.54 -11.30
CA HIS A 177 6.77 22.27 -10.22
C HIS A 177 8.21 22.59 -10.57
N HIS A 178 8.82 21.80 -11.46
CA HIS A 178 10.16 22.13 -11.94
C HIS A 178 10.10 23.36 -12.85
N ALA A 179 9.05 23.47 -13.66
CA ALA A 179 8.84 24.71 -14.42
C ALA A 179 8.66 25.90 -13.48
N GLU A 180 7.87 25.74 -12.41
CA GLU A 180 7.74 26.81 -11.43
C GLU A 180 9.10 27.24 -10.88
N HIS A 181 9.94 26.28 -10.51
CA HIS A 181 11.26 26.60 -10.01
C HIS A 181 12.08 27.39 -11.02
N LEU A 182 12.03 26.99 -12.30
CA LEU A 182 12.88 27.58 -13.33
C LEU A 182 12.42 28.96 -13.76
N ALA A 183 11.12 29.25 -13.67
CA ALA A 183 10.55 30.43 -14.31
C ALA A 183 11.14 31.72 -13.71
N ASP A 184 11.52 32.64 -14.59
CA ASP A 184 12.07 33.93 -14.16
C ASP A 184 10.90 34.87 -13.90
N ILE A 185 10.31 34.73 -12.71
CA ILE A 185 9.17 35.55 -12.30
C ILE A 185 9.36 35.97 -10.87
N PRO A 186 8.80 37.11 -10.50
CA PRO A 186 8.93 37.59 -9.13
C PRO A 186 7.81 37.07 -8.22
N GLY A 187 8.01 37.27 -6.93
CA GLY A 187 6.98 36.99 -5.95
C GLY A 187 6.80 35.52 -5.62
N LYS A 188 7.80 34.69 -5.89
CA LYS A 188 7.66 33.25 -5.64
C LYS A 188 7.55 32.95 -4.15
N ARG A 189 6.64 32.04 -3.81
N ARG A 189 6.63 32.05 -3.82
CA ARG A 189 6.36 31.66 -2.43
CA ARG A 189 6.39 31.68 -2.42
C ARG A 189 7.41 30.65 -1.95
C ARG A 189 7.44 30.67 -1.97
N ILE A 190 8.12 30.98 -0.87
CA ILE A 190 9.17 30.13 -0.32
C ILE A 190 8.65 29.43 0.92
N LYS A 191 8.96 28.14 1.04
CA LYS A 191 8.53 27.34 2.18
C LYS A 191 9.76 26.89 2.95
N ARG A 192 9.70 26.96 4.28
CA ARG A 192 10.76 26.44 5.15
C ARG A 192 10.14 25.48 6.15
N ILE A 193 10.73 24.30 6.29
CA ILE A 193 10.19 23.29 7.19
C ILE A 193 11.33 22.45 7.74
N GLU A 194 11.23 22.09 9.02
CA GLU A 194 12.19 21.21 9.65
C GLU A 194 11.86 19.76 9.32
N VAL A 195 12.88 18.98 8.97
CA VAL A 195 12.69 17.59 8.53
C VAL A 195 13.61 16.67 9.31
N PRO A 196 13.10 15.58 9.90
CA PRO A 196 13.96 14.63 10.60
C PRO A 196 14.46 13.54 9.66
N PHE A 197 15.76 13.25 9.69
CA PHE A 197 16.35 12.21 8.84
C PHE A 197 16.90 11.10 9.69
N ALA A 198 16.64 9.86 9.28
CA ALA A 198 17.23 8.71 9.97
C ALA A 198 18.70 8.60 9.59
N THR A 199 19.56 8.40 10.59
CA THR A 199 20.98 8.18 10.35
C THR A 199 21.41 7.06 11.27
N PRO A 200 22.52 6.40 10.97
CA PRO A 200 23.02 5.35 11.88
C PRO A 200 23.28 5.86 13.28
N THR A 201 23.57 7.15 13.43
CA THR A 201 23.86 7.75 14.72
C THR A 201 22.63 8.33 15.40
N GLY A 202 21.45 8.19 14.79
CA GLY A 202 20.21 8.69 15.32
C GLY A 202 19.59 9.72 14.39
N THR A 203 18.48 10.29 14.86
CA THR A 203 17.73 11.26 14.06
C THR A 203 18.47 12.58 13.98
N GLN A 204 18.64 13.09 12.76
CA GLN A 204 19.25 14.39 12.54
C GLN A 204 18.24 15.31 11.89
N TRP A 205 18.00 16.46 12.52
CA TRP A 205 17.02 17.41 12.04
C TRP A 205 17.72 18.44 11.15
N ARG A 206 17.01 18.85 10.10
CA ARG A 206 17.57 19.82 9.17
C ARG A 206 16.44 20.71 8.68
N MET A 207 16.70 22.00 8.59
N MET A 207 16.70 22.02 8.61
CA MET A 207 15.76 22.90 7.93
CA MET A 207 15.79 22.91 7.92
C MET A 207 15.88 22.75 6.42
C MET A 207 15.88 22.69 6.41
N ILE A 208 14.74 22.57 5.76
CA ILE A 208 14.65 22.44 4.32
C ILE A 208 14.01 23.71 3.79
N GLU A 209 14.55 24.26 2.70
CA GLU A 209 13.95 25.40 2.02
C GLU A 209 13.70 25.04 0.56
N GLU A 210 12.56 25.47 0.04
CA GLU A 210 12.17 25.22 -1.34
C GLU A 210 11.07 26.20 -1.69
N PHE A 211 10.77 26.31 -2.99
CA PHE A 211 9.52 26.99 -3.34
C PHE A 211 8.35 26.09 -2.96
N ASP A 212 7.29 26.71 -2.45
N ASP A 212 7.29 26.71 -2.45
CA ASP A 212 6.13 25.93 -2.02
CA ASP A 212 6.13 25.93 -2.02
C ASP A 212 5.49 25.23 -3.21
C ASP A 212 5.49 25.22 -3.21
N THR A 213 5.24 23.91 -3.06
CA THR A 213 4.53 23.16 -4.07
C THR A 213 3.15 22.71 -3.61
N GLY A 214 2.72 23.13 -2.42
CA GLY A 214 1.39 22.79 -1.94
C GLY A 214 0.31 23.72 -2.43
N ASP A 215 0.69 24.91 -2.88
CA ASP A 215 -0.20 25.88 -3.51
C ASP A 215 0.58 26.47 -4.66
N PRO A 216 -0.08 27.16 -5.61
CA PRO A 216 0.65 27.72 -6.76
C PRO A 216 1.78 28.62 -6.29
N ILE A 217 2.86 28.63 -7.07
CA ILE A 217 4.07 29.31 -6.61
C ILE A 217 3.86 30.82 -6.48
N VAL A 218 2.93 31.39 -7.25
CA VAL A 218 2.65 32.82 -7.18
C VAL A 218 1.14 33.02 -7.10
N ALA A 219 0.75 34.23 -6.68
CA ALA A 219 -0.67 34.55 -6.49
C ALA A 219 -1.40 34.74 -7.81
N GLY A 220 -2.72 34.57 -7.74
CA GLY A 220 -3.61 34.78 -8.87
C GLY A 220 -3.98 33.54 -9.64
N LEU A 221 -3.65 32.36 -9.11
CA LEU A 221 -3.89 31.08 -9.79
C LEU A 221 -4.73 30.16 -8.92
N ALA A 222 -5.67 29.47 -9.55
CA ALA A 222 -6.43 28.44 -8.84
C ALA A 222 -5.51 27.25 -8.54
N GLU A 223 -5.90 26.47 -7.53
CA GLU A 223 -5.06 25.37 -7.07
C GLU A 223 -4.78 24.39 -8.17
N ASP A 224 -5.70 24.24 -9.12
CA ASP A 224 -5.56 23.25 -10.18
C ASP A 224 -4.98 23.83 -11.48
N TYR A 225 -4.25 24.95 -11.41
CA TYR A 225 -3.88 25.63 -12.65
C TYR A 225 -2.97 24.81 -13.54
N PHE A 226 -2.23 23.84 -12.99
CA PHE A 226 -1.43 22.96 -13.84
C PHE A 226 -2.30 22.28 -14.90
N ALA A 227 -3.54 21.91 -14.54
CA ALA A 227 -4.40 21.24 -15.51
C ALA A 227 -4.62 22.12 -16.73
N GLY A 228 -4.83 23.43 -16.51
CA GLY A 228 -5.01 24.32 -17.63
C GLY A 228 -3.79 24.43 -18.52
N ILE A 229 -2.59 24.42 -17.92
CA ILE A 229 -1.35 24.42 -18.71
C ILE A 229 -1.29 23.17 -19.58
N VAL A 230 -1.60 22.00 -19.01
CA VAL A 230 -1.56 20.78 -19.82
C VAL A 230 -2.59 20.85 -20.93
N THR A 231 -3.79 21.33 -20.64
CA THR A 231 -4.81 21.42 -21.67
C THR A 231 -4.38 22.37 -22.80
N GLU A 232 -3.74 23.48 -22.46
CA GLU A 232 -3.23 24.38 -23.50
C GLU A 232 -2.09 23.75 -24.28
N PHE A 233 -1.22 22.98 -23.60
CA PHE A 233 -0.15 22.28 -24.29
C PHE A 233 -0.71 21.35 -25.35
N LEU A 234 -1.75 20.60 -24.98
CA LEU A 234 -2.37 19.69 -25.94
C LEU A 234 -3.03 20.47 -27.08
N ALA A 235 -3.68 21.59 -26.75
CA ALA A 235 -4.34 22.40 -27.77
C ALA A 235 -3.35 22.98 -28.77
N SER A 236 -2.11 23.19 -28.36
CA SER A 236 -1.08 23.71 -29.25
C SER A 236 -0.56 22.67 -30.22
N GLY A 237 -1.06 21.43 -30.15
CA GLY A 237 -0.60 20.37 -31.03
C GLY A 237 0.49 19.50 -30.46
N GLN A 238 0.87 19.71 -29.21
CA GLN A 238 1.92 18.89 -28.61
C GLN A 238 1.30 17.82 -27.72
N GLY A 239 2.06 16.74 -27.49
CA GLY A 239 1.61 15.68 -26.64
C GLY A 239 0.62 14.75 -27.33
N ARG A 240 0.27 13.68 -26.63
CA ARG A 240 -0.60 12.64 -27.17
C ARG A 240 -1.73 12.33 -26.19
N GLN A 241 -2.89 11.96 -26.73
CA GLN A 241 -4.06 11.59 -25.95
C GLN A 241 -4.62 10.28 -26.49
N GLY A 242 -5.15 9.46 -25.58
CA GLY A 242 -5.73 8.18 -25.95
C GLY A 242 -6.04 7.38 -24.71
N LEU A 243 -6.73 6.26 -24.95
CA LEU A 243 -7.16 5.38 -23.87
C LEU A 243 -6.02 4.43 -23.50
N ILE A 244 -5.83 4.23 -22.19
CA ILE A 244 -5.04 3.13 -21.66
C ILE A 244 -6.01 2.30 -20.83
N GLY A 245 -6.31 1.10 -21.29
CA GLY A 245 -7.45 0.41 -20.71
C GLY A 245 -8.69 1.27 -20.96
N ALA A 246 -9.44 1.53 -19.90
CA ALA A 246 -10.59 2.42 -19.98
C ALA A 246 -10.28 3.86 -19.61
N ALA A 247 -9.02 4.19 -19.33
CA ALA A 247 -8.70 5.49 -18.77
C ALA A 247 -8.27 6.46 -19.86
N PRO A 248 -8.98 7.57 -20.03
CA PRO A 248 -8.44 8.65 -20.87
C PRO A 248 -7.11 9.11 -20.30
N SER A 249 -6.10 9.20 -21.17
CA SER A 249 -4.72 9.39 -20.73
C SER A 249 -4.03 10.42 -21.61
N VAL A 250 -2.96 10.99 -21.07
CA VAL A 250 -2.17 12.03 -21.72
C VAL A 250 -0.70 11.67 -21.57
N LEU A 251 0.04 11.70 -22.68
CA LEU A 251 1.47 11.41 -22.68
C LEU A 251 2.20 12.65 -23.22
N VAL A 252 3.15 13.16 -22.45
CA VAL A 252 3.86 14.38 -22.86
C VAL A 252 5.36 14.19 -22.70
N ASP A 253 6.11 14.90 -23.53
CA ASP A 253 7.56 14.96 -23.43
C ASP A 253 7.97 15.87 -22.26
N ALA A 254 8.85 15.38 -21.39
CA ALA A 254 9.20 16.12 -20.17
C ALA A 254 9.84 17.47 -20.51
N ALA A 255 10.81 17.47 -21.42
CA ALA A 255 11.46 18.73 -21.80
C ALA A 255 10.45 19.71 -22.40
N ALA A 256 9.56 19.22 -23.27
CA ALA A 256 8.59 20.09 -23.95
C ALA A 256 7.61 20.72 -22.96
N ILE A 257 7.03 19.91 -22.07
CA ILE A 257 6.03 20.47 -21.15
C ILE A 257 6.70 21.41 -20.15
N THR A 258 7.95 21.15 -19.78
CA THR A 258 8.66 22.04 -18.87
C THR A 258 8.87 23.41 -19.51
N ALA A 259 9.38 23.41 -20.75
CA ALA A 259 9.61 24.66 -21.44
C ALA A 259 8.31 25.43 -21.63
N PHE A 260 7.24 24.72 -21.99
CA PHE A 260 5.93 25.34 -22.15
C PHE A 260 5.45 25.97 -20.86
N GLY A 261 5.60 25.26 -19.74
CA GLY A 261 5.16 25.82 -18.46
C GLY A 261 5.98 27.02 -18.03
N VAL A 262 7.29 27.01 -18.31
CA VAL A 262 8.13 28.16 -18.01
C VAL A 262 7.63 29.36 -18.81
N THR A 263 7.41 29.15 -20.11
CA THR A 263 6.90 30.23 -20.95
C THR A 263 5.54 30.72 -20.47
N TRP A 264 4.65 29.78 -20.13
CA TRP A 264 3.31 30.14 -19.64
C TRP A 264 3.40 31.05 -18.43
N LEU A 265 4.28 30.74 -17.48
CA LEU A 265 4.42 31.56 -16.27
C LEU A 265 5.07 32.88 -16.59
N GLU A 266 6.12 32.88 -17.41
CA GLU A 266 6.84 34.12 -17.68
C GLU A 266 5.98 35.11 -18.46
N LYS A 267 5.09 34.61 -19.32
CA LYS A 267 4.16 35.48 -20.05
C LYS A 267 3.21 36.20 -19.10
N ARG A 268 2.85 35.56 -17.99
CA ARG A 268 1.80 36.09 -17.13
C ARG A 268 2.30 36.83 -15.89
N PHE A 269 3.55 36.61 -15.50
CA PHE A 269 4.10 37.19 -14.27
C PHE A 269 5.41 37.91 -14.48
N GLY A 270 6.12 37.65 -15.58
CA GLY A 270 7.39 38.28 -15.83
C GLY A 270 7.24 39.74 -16.26
N THR A 271 8.34 40.47 -16.17
CA THR A 271 8.39 41.88 -16.56
C THR A 271 7.93 42.11 -18.01
N ALA B 6 -8.92 14.58 17.08
CA ALA B 6 -7.48 14.72 16.94
C ALA B 6 -6.75 15.24 18.17
N SER B 7 -5.92 14.38 18.71
CA SER B 7 -4.51 14.66 18.87
C SER B 7 -3.83 13.50 18.18
N PHE B 8 -2.52 13.58 17.96
CA PHE B 8 -1.86 12.45 17.33
C PHE B 8 -1.66 11.36 18.37
N ALA B 9 -2.04 10.14 18.03
CA ALA B 9 -1.53 8.99 18.75
C ALA B 9 -0.18 8.62 18.14
N THR B 10 0.71 8.11 18.99
CA THR B 10 2.08 7.79 18.66
C THR B 10 2.35 6.32 18.94
N ARG B 11 3.52 5.84 18.50
CA ARG B 11 3.85 4.47 18.85
C ARG B 11 3.93 4.29 20.36
N THR B 12 4.35 5.34 21.09
CA THR B 12 4.39 5.27 22.55
C THR B 12 2.98 5.17 23.15
N SER B 13 2.08 6.07 22.74
CA SER B 13 0.73 6.10 23.32
C SER B 13 -0.06 4.85 22.93
N LEU B 14 0.08 4.39 21.69
CA LEU B 14 -0.63 3.17 21.32
C LEU B 14 -0.11 1.97 22.11
N ALA B 15 1.21 1.89 22.32
CA ALA B 15 1.77 0.80 23.11
C ALA B 15 1.22 0.82 24.52
N ALA B 16 1.08 2.02 25.10
CA ALA B 16 0.47 2.10 26.42
C ALA B 16 -0.97 1.59 26.39
N ASP B 17 -1.75 1.99 25.38
CA ASP B 17 -3.13 1.52 25.28
C ASP B 17 -3.18 0.01 25.12
N LEU B 18 -2.27 -0.56 24.31
CA LEU B 18 -2.27 -2.01 24.12
C LEU B 18 -1.93 -2.74 25.41
N ALA B 19 -0.94 -2.25 26.16
CA ALA B 19 -0.63 -2.87 27.45
C ALA B 19 -1.82 -2.77 28.39
N ALA B 20 -2.51 -1.61 28.39
CA ALA B 20 -3.69 -1.45 29.24
C ALA B 20 -4.80 -2.41 28.87
N LEU B 21 -4.93 -2.74 27.59
CA LEU B 21 -5.96 -3.67 27.15
C LEU B 21 -5.63 -5.12 27.47
N GLY B 22 -4.38 -5.42 27.80
CA GLY B 22 -3.99 -6.76 28.19
C GLY B 22 -2.99 -7.43 27.27
N LEU B 23 -2.51 -6.78 26.21
CA LEU B 23 -1.44 -7.34 25.38
C LEU B 23 -0.14 -7.39 26.16
N ALA B 24 0.57 -8.52 26.08
CA ALA B 24 1.66 -8.82 26.98
C ALA B 24 2.98 -9.07 26.26
N TRP B 25 4.07 -8.80 26.97
CA TRP B 25 5.42 -9.10 26.50
C TRP B 25 5.50 -10.56 26.09
N GLY B 26 5.99 -10.80 24.87
CA GLY B 26 6.15 -12.16 24.38
C GLY B 26 4.95 -12.74 23.65
N ASP B 27 3.83 -12.02 23.58
CA ASP B 27 2.64 -12.56 22.95
C ASP B 27 2.84 -12.74 21.44
N ALA B 28 2.17 -13.74 20.90
CA ALA B 28 1.88 -13.81 19.46
C ALA B 28 0.52 -13.16 19.26
N ILE B 29 0.50 -12.05 18.53
CA ILE B 29 -0.70 -11.23 18.41
C ILE B 29 -1.08 -11.09 16.94
N MET B 30 -2.27 -11.57 16.59
CA MET B 30 -2.82 -11.37 15.25
C MET B 30 -3.77 -10.19 15.29
N VAL B 31 -3.59 -9.23 14.37
CA VAL B 31 -4.34 -7.98 14.43
C VAL B 31 -5.20 -7.83 13.18
N HIS B 32 -6.45 -7.39 13.41
CA HIS B 32 -7.33 -6.90 12.36
C HIS B 32 -7.59 -5.44 12.68
N ALA B 33 -7.39 -4.55 11.71
CA ALA B 33 -7.47 -3.13 12.03
C ALA B 33 -8.31 -2.37 11.01
N ALA B 34 -9.08 -1.39 11.51
CA ALA B 34 -9.75 -0.38 10.69
C ALA B 34 -9.05 0.93 11.00
N VAL B 35 -8.08 1.29 10.17
CA VAL B 35 -7.16 2.37 10.52
C VAL B 35 -7.92 3.66 10.76
N SER B 36 -9.00 3.88 10.01
CA SER B 36 -9.73 5.15 10.14
C SER B 36 -10.33 5.31 11.54
N ARG B 37 -10.72 4.20 12.19
CA ARG B 37 -11.30 4.29 13.53
C ARG B 37 -10.29 4.71 14.57
N VAL B 38 -8.99 4.60 14.29
CA VAL B 38 -7.96 4.84 15.28
C VAL B 38 -7.70 6.32 15.51
N GLY B 39 -8.12 7.19 14.59
CA GLY B 39 -7.88 8.61 14.77
C GLY B 39 -6.55 9.01 14.16
N ARG B 40 -6.08 10.21 14.50
CA ARG B 40 -4.84 10.69 13.91
C ARG B 40 -3.64 9.89 14.43
N LEU B 41 -2.80 9.42 13.51
CA LEU B 41 -1.63 8.61 13.83
C LEU B 41 -0.39 9.27 13.26
N LEU B 42 0.63 9.46 14.09
CA LEU B 42 1.78 10.23 13.62
C LEU B 42 2.53 9.52 12.49
N ASP B 43 2.49 8.18 12.44
CA ASP B 43 3.11 7.44 11.33
C ASP B 43 2.08 6.56 10.60
N GLY B 44 0.81 6.98 10.58
CA GLY B 44 -0.20 6.25 9.85
C GLY B 44 -0.33 4.81 10.31
N PRO B 45 -0.67 3.90 9.38
CA PRO B 45 -0.81 2.50 9.78
C PRO B 45 0.46 1.93 10.37
N ASP B 46 1.63 2.43 9.96
CA ASP B 46 2.85 1.88 10.53
C ASP B 46 3.00 2.19 12.02
N THR B 47 2.28 3.20 12.54
CA THR B 47 2.32 3.43 13.99
C THR B 47 1.78 2.24 14.73
N ILE B 48 0.74 1.62 14.19
CA ILE B 48 0.10 0.46 14.81
C ILE B 48 1.06 -0.72 14.84
N ILE B 49 1.71 -1.01 13.71
CA ILE B 49 2.67 -2.11 13.65
C ILE B 49 3.78 -1.89 14.67
N ALA B 50 4.32 -0.66 14.70
CA ALA B 50 5.41 -0.37 15.62
C ALA B 50 4.97 -0.52 17.07
N ALA B 51 3.77 -0.05 17.40
CA ALA B 51 3.31 -0.18 18.79
C ALA B 51 3.12 -1.63 19.18
N LEU B 52 2.61 -2.45 18.26
CA LEU B 52 2.44 -3.87 18.54
C LEU B 52 3.79 -4.53 18.80
N ARG B 53 4.79 -4.25 17.94
CA ARG B 53 6.12 -4.82 18.14
C ARG B 53 6.73 -4.36 19.45
N ASP B 54 6.56 -3.08 19.78
CA ASP B 54 7.09 -2.55 21.03
C ASP B 54 6.47 -3.25 22.25
N THR B 55 5.19 -3.57 22.16
CA THR B 55 4.49 -4.13 23.31
C THR B 55 4.83 -5.60 23.51
N VAL B 56 4.94 -6.37 22.43
CA VAL B 56 5.27 -7.79 22.61
C VAL B 56 6.76 -8.05 22.70
N GLY B 57 7.59 -7.12 22.22
CA GLY B 57 9.03 -7.29 22.30
C GLY B 57 9.59 -8.30 21.33
N PRO B 58 10.91 -8.46 21.35
CA PRO B 58 11.58 -9.30 20.34
C PRO B 58 11.19 -10.76 20.40
N GLY B 59 10.73 -11.24 21.55
CA GLY B 59 10.28 -12.62 21.64
C GLY B 59 8.86 -12.85 21.18
N GLY B 60 8.13 -11.78 20.91
CA GLY B 60 6.77 -11.88 20.42
C GLY B 60 6.72 -11.89 18.89
N THR B 61 5.52 -12.06 18.38
CA THR B 61 5.27 -12.12 16.95
C THR B 61 3.99 -11.37 16.63
N VAL B 62 4.01 -10.58 15.56
CA VAL B 62 2.86 -9.82 15.10
C VAL B 62 2.39 -10.45 13.79
N LEU B 63 1.09 -10.75 13.71
CA LEU B 63 0.51 -11.44 12.55
C LEU B 63 -0.69 -10.67 12.01
N ALA B 64 -1.00 -10.91 10.74
CA ALA B 64 -2.22 -10.38 10.14
C ALA B 64 -2.66 -11.33 9.03
N TYR B 65 -3.91 -11.18 8.62
CA TYR B 65 -4.47 -12.00 7.55
C TYR B 65 -4.20 -11.34 6.21
N ALA B 66 -3.40 -12.00 5.36
CA ALA B 66 -3.01 -11.42 4.08
C ALA B 66 -4.00 -11.74 2.97
N ASP B 67 -4.33 -13.02 2.78
CA ASP B 67 -5.14 -13.44 1.63
C ASP B 67 -4.40 -12.99 0.37
N TRP B 68 -5.08 -12.90 -0.77
CA TRP B 68 -4.56 -12.23 -1.95
C TRP B 68 -5.75 -11.89 -2.84
N GLU B 69 -5.52 -11.00 -3.80
CA GLU B 69 -6.65 -10.43 -4.53
C GLU B 69 -7.32 -11.47 -5.43
N ALA B 70 -6.51 -12.28 -6.15
CA ALA B 70 -7.03 -13.37 -7.00
C ALA B 70 -8.20 -12.91 -7.87
N ARG B 71 -8.00 -11.80 -8.57
CA ARG B 71 -9.11 -11.24 -9.34
C ARG B 71 -9.57 -12.20 -10.44
N TYR B 72 -8.70 -13.11 -10.89
CA TYR B 72 -9.09 -14.09 -11.91
C TYR B 72 -10.23 -14.98 -11.45
N GLU B 73 -10.51 -15.02 -10.15
CA GLU B 73 -11.57 -15.90 -9.67
C GLU B 73 -12.89 -15.58 -10.36
N ASP B 74 -13.09 -14.33 -10.78
CA ASP B 74 -14.30 -14.00 -11.54
C ASP B 74 -14.40 -14.73 -12.86
N LEU B 75 -13.30 -15.28 -13.36
CA LEU B 75 -13.24 -15.93 -14.65
C LEU B 75 -13.38 -17.44 -14.60
N VAL B 76 -13.29 -18.07 -13.42
CA VAL B 76 -13.20 -19.53 -13.40
C VAL B 76 -14.55 -20.13 -13.81
N ASP B 77 -14.48 -21.33 -14.37
CA ASP B 77 -15.68 -22.07 -14.76
C ASP B 77 -16.32 -22.70 -13.53
N ASP B 78 -17.38 -23.48 -13.75
CA ASP B 78 -18.16 -24.00 -12.63
C ASP B 78 -17.44 -25.06 -11.81
N ALA B 79 -16.34 -25.62 -12.31
CA ALA B 79 -15.51 -26.51 -11.51
C ALA B 79 -14.33 -25.78 -10.86
N GLY B 80 -14.24 -24.47 -11.08
CA GLY B 80 -13.16 -23.68 -10.52
C GLY B 80 -11.92 -23.57 -11.36
N ARG B 81 -11.98 -23.97 -12.63
CA ARG B 81 -10.79 -23.97 -13.48
C ARG B 81 -10.71 -22.71 -14.33
N VAL B 82 -9.49 -22.29 -14.65
CA VAL B 82 -9.32 -21.09 -15.46
C VAL B 82 -9.41 -21.46 -16.94
N PRO B 83 -10.31 -20.82 -17.71
CA PRO B 83 -10.44 -21.16 -19.15
C PRO B 83 -9.12 -21.00 -19.87
N PRO B 84 -8.83 -21.86 -20.85
CA PRO B 84 -7.50 -21.86 -21.49
C PRO B 84 -7.05 -20.50 -22.02
N GLU B 85 -7.97 -19.68 -22.56
CA GLU B 85 -7.56 -18.41 -23.14
C GLU B 85 -7.05 -17.42 -22.09
N TRP B 86 -7.33 -17.67 -20.82
CA TRP B 86 -6.92 -16.76 -19.75
C TRP B 86 -5.69 -17.23 -18.98
N ARG B 87 -5.32 -18.49 -19.09
CA ARG B 87 -4.33 -19.07 -18.19
C ARG B 87 -2.99 -18.32 -18.26
N GLU B 88 -2.54 -17.96 -19.47
CA GLU B 88 -1.25 -17.30 -19.62
C GLU B 88 -1.25 -15.90 -19.03
N HIS B 89 -2.42 -15.31 -18.81
CA HIS B 89 -2.51 -13.94 -18.33
C HIS B 89 -2.65 -13.81 -16.82
N VAL B 90 -2.94 -14.90 -16.11
CA VAL B 90 -3.24 -14.78 -14.70
C VAL B 90 -1.93 -14.66 -13.93
N PRO B 91 -1.75 -13.63 -13.11
CA PRO B 91 -0.55 -13.52 -12.30
C PRO B 91 -0.47 -14.66 -11.29
N PRO B 92 0.64 -15.38 -11.26
CA PRO B 92 0.75 -16.49 -10.31
C PRO B 92 1.00 -16.00 -8.89
N PHE B 93 0.61 -16.83 -7.93
CA PHE B 93 0.87 -16.49 -6.54
C PHE B 93 2.35 -16.63 -6.23
N ASP B 94 2.90 -15.61 -5.60
CA ASP B 94 4.30 -15.60 -5.15
C ASP B 94 4.24 -15.11 -3.71
N PRO B 95 4.53 -15.96 -2.71
CA PRO B 95 4.29 -15.50 -1.32
C PRO B 95 5.12 -14.27 -0.98
N GLN B 96 6.25 -14.07 -1.65
CA GLN B 96 7.14 -12.94 -1.40
C GLN B 96 6.75 -11.68 -2.16
N ARG B 97 5.81 -11.75 -3.12
CA ARG B 97 5.48 -10.63 -3.99
C ARG B 97 3.99 -10.29 -4.06
N SER B 98 3.11 -11.30 -4.00
CA SER B 98 1.69 -11.02 -4.20
C SER B 98 1.17 -10.11 -3.11
N ARG B 99 0.41 -9.07 -3.50
CA ARG B 99 -0.13 -8.17 -2.49
C ARG B 99 -1.04 -8.93 -1.53
N ALA B 100 -1.08 -8.44 -0.28
CA ALA B 100 -2.19 -8.79 0.57
C ALA B 100 -3.45 -8.16 0.02
N ILE B 101 -4.59 -8.82 0.24
CA ILE B 101 -5.85 -8.20 -0.11
C ILE B 101 -6.06 -6.95 0.76
N ARG B 102 -6.77 -5.96 0.21
CA ARG B 102 -6.99 -4.71 0.93
C ARG B 102 -8.46 -4.47 1.25
N ASP B 103 -9.31 -5.51 1.13
CA ASP B 103 -10.75 -5.37 1.39
C ASP B 103 -11.03 -4.89 2.81
N ASN B 104 -10.17 -5.23 3.76
CA ASN B 104 -10.37 -4.85 5.16
C ASN B 104 -9.25 -3.94 5.63
N GLY B 105 -8.72 -3.14 4.72
CA GLY B 105 -7.75 -2.11 5.05
C GLY B 105 -6.34 -2.50 4.65
N VAL B 106 -5.45 -1.50 4.76
CA VAL B 106 -4.08 -1.64 4.27
C VAL B 106 -3.10 -2.25 5.27
N LEU B 107 -3.49 -2.47 6.53
N LEU B 107 -3.49 -2.46 6.53
CA LEU B 107 -2.49 -2.89 7.50
CA LEU B 107 -2.50 -2.89 7.51
C LEU B 107 -1.84 -4.21 7.12
C LEU B 107 -1.84 -4.22 7.16
N PRO B 108 -2.55 -5.25 6.68
CA PRO B 108 -1.84 -6.49 6.30
C PRO B 108 -0.80 -6.27 5.21
N GLU B 109 -1.13 -5.48 4.17
CA GLU B 109 -0.15 -5.18 3.13
C GLU B 109 1.02 -4.37 3.69
N PHE B 110 0.76 -3.42 4.58
CA PHE B 110 1.87 -2.68 5.18
C PHE B 110 2.75 -3.59 6.03
N LEU B 111 2.13 -4.53 6.76
CA LEU B 111 2.92 -5.49 7.53
C LEU B 111 3.73 -6.39 6.59
N ARG B 112 3.09 -6.82 5.49
CA ARG B 112 3.77 -7.68 4.51
C ARG B 112 5.04 -7.04 3.97
N THR B 113 5.03 -5.71 3.79
CA THR B 113 6.19 -5.01 3.25
C THR B 113 7.07 -4.39 4.33
N THR B 114 6.85 -4.72 5.58
CA THR B 114 7.78 -4.35 6.64
C THR B 114 8.96 -5.32 6.61
N PRO B 115 10.20 -4.83 6.65
CA PRO B 115 11.35 -5.74 6.57
C PRO B 115 11.30 -6.83 7.64
N GLY B 116 11.53 -8.07 7.19
CA GLY B 116 11.53 -9.21 8.06
C GLY B 116 10.24 -10.01 8.07
N THR B 117 9.14 -9.46 7.54
CA THR B 117 7.88 -10.18 7.57
C THR B 117 7.87 -11.33 6.58
N LEU B 118 7.33 -12.47 7.02
CA LEU B 118 7.17 -13.66 6.20
C LEU B 118 5.69 -13.86 5.89
N ARG B 119 5.42 -14.54 4.78
CA ARG B 119 4.05 -14.72 4.30
C ARG B 119 3.85 -16.19 3.96
N SER B 120 2.77 -16.79 4.45
CA SER B 120 2.61 -18.23 4.31
C SER B 120 2.15 -18.61 2.91
N GLY B 121 2.23 -19.94 2.60
CA GLY B 121 2.21 -20.38 1.21
C GLY B 121 0.87 -20.73 0.60
N ASN B 122 -0.20 -20.78 1.38
CA ASN B 122 -1.55 -20.99 0.87
C ASN B 122 -2.12 -19.60 0.58
N PRO B 123 -2.31 -19.21 -0.69
CA PRO B 123 -2.55 -17.79 -1.00
C PRO B 123 -3.79 -17.25 -0.31
N GLY B 124 -4.93 -17.89 -0.53
CA GLY B 124 -6.18 -17.35 0.01
C GLY B 124 -6.28 -17.39 1.52
N ALA B 125 -5.58 -18.34 2.17
CA ALA B 125 -5.60 -18.43 3.62
C ALA B 125 -4.36 -17.81 4.26
N SER B 126 -3.52 -17.12 3.46
CA SER B 126 -2.17 -16.78 3.93
C SER B 126 -2.21 -15.75 5.06
N LEU B 127 -1.32 -15.97 6.03
CA LEU B 127 -1.02 -15.01 7.07
C LEU B 127 0.35 -14.40 6.82
N VAL B 128 0.54 -13.16 7.30
CA VAL B 128 1.88 -12.59 7.42
C VAL B 128 2.26 -12.63 8.88
N ALA B 129 3.56 -12.78 9.15
CA ALA B 129 4.06 -12.85 10.52
C ALA B 129 5.43 -12.17 10.61
N LEU B 130 5.64 -11.42 11.69
CA LEU B 130 6.87 -10.65 11.91
C LEU B 130 7.29 -10.83 13.36
N GLY B 131 8.45 -11.44 13.57
CA GLY B 131 8.95 -11.58 14.92
C GLY B 131 9.54 -12.96 15.16
N ALA B 132 9.57 -13.32 16.45
CA ALA B 132 10.40 -14.44 16.90
C ALA B 132 9.97 -15.76 16.29
N LYS B 133 8.66 -15.97 16.10
CA LYS B 133 8.16 -17.23 15.60
C LYS B 133 7.58 -17.11 14.20
N ALA B 134 8.00 -16.09 13.45
CA ALA B 134 7.43 -15.87 12.12
C ALA B 134 7.69 -17.05 11.19
N GLU B 135 8.89 -17.64 11.25
CA GLU B 135 9.18 -18.78 10.37
C GLU B 135 8.26 -19.95 10.68
N TRP B 136 8.12 -20.28 11.95
CA TRP B 136 7.26 -21.39 12.33
C TRP B 136 5.81 -21.13 11.94
N PHE B 137 5.32 -19.90 12.20
CA PHE B 137 3.91 -19.61 11.92
C PHE B 137 3.59 -19.71 10.45
N THR B 138 4.55 -19.39 9.57
CA THR B 138 4.26 -19.32 8.14
C THR B 138 4.77 -20.53 7.36
N ALA B 139 5.38 -21.51 8.02
CA ALA B 139 5.96 -22.64 7.30
C ALA B 139 4.94 -23.72 6.97
N ASP B 140 5.10 -24.33 5.80
CA ASP B 140 4.37 -25.56 5.47
C ASP B 140 2.85 -25.39 5.59
N HIS B 141 2.33 -24.27 5.12
CA HIS B 141 0.90 -24.05 5.16
C HIS B 141 0.20 -25.01 4.21
N PRO B 142 -0.67 -25.91 4.68
CA PRO B 142 -1.30 -26.87 3.76
C PRO B 142 -2.15 -26.16 2.73
N LEU B 143 -2.04 -26.61 1.49
CA LEU B 143 -2.77 -25.98 0.40
C LEU B 143 -4.24 -26.39 0.37
N ASP B 144 -4.58 -27.61 0.76
CA ASP B 144 -5.98 -27.98 0.94
C ASP B 144 -6.38 -27.77 2.40
N TYR B 145 -7.62 -27.33 2.61
CA TYR B 145 -8.16 -27.10 3.96
C TYR B 145 -7.18 -26.29 4.81
N GLY B 146 -6.80 -25.14 4.26
CA GLY B 146 -5.80 -24.26 4.82
C GLY B 146 -6.24 -23.46 6.02
N TYR B 147 -7.45 -23.67 6.51
CA TYR B 147 -7.88 -23.12 7.80
C TYR B 147 -7.96 -24.21 8.85
N GLY B 148 -7.39 -25.38 8.57
CA GLY B 148 -7.52 -26.50 9.48
C GLY B 148 -6.25 -26.90 10.18
N GLU B 149 -6.02 -28.21 10.28
CA GLU B 149 -4.87 -28.72 11.01
C GLU B 149 -3.57 -28.31 10.34
N GLY B 150 -2.59 -27.92 11.15
CA GLY B 150 -1.29 -27.55 10.63
C GLY B 150 -1.21 -26.18 9.99
N SER B 151 -2.29 -25.40 10.02
CA SER B 151 -2.33 -24.08 9.43
C SER B 151 -1.75 -23.04 10.38
N PRO B 152 -1.44 -21.84 9.88
CA PRO B 152 -1.01 -20.77 10.80
C PRO B 152 -2.03 -20.47 11.88
N LEU B 153 -3.32 -20.58 11.57
CA LEU B 153 -4.33 -20.35 12.59
C LEU B 153 -4.31 -21.43 13.67
N ALA B 154 -4.15 -22.70 13.27
CA ALA B 154 -3.99 -23.76 14.26
C ALA B 154 -2.76 -23.50 15.12
N LYS B 155 -1.66 -23.03 14.50
CA LYS B 155 -0.45 -22.76 15.25
C LYS B 155 -0.65 -21.60 16.22
N LEU B 156 -1.45 -20.60 15.84
CA LEU B 156 -1.76 -19.51 16.76
C LEU B 156 -2.45 -20.03 18.01
N VAL B 157 -3.39 -20.95 17.85
CA VAL B 157 -4.06 -21.59 18.98
C VAL B 157 -3.05 -22.38 19.81
N GLU B 158 -2.22 -23.19 19.13
CA GLU B 158 -1.25 -24.04 19.83
C GLU B 158 -0.27 -23.21 20.65
N ALA B 159 0.15 -22.06 20.12
CA ALA B 159 1.12 -21.19 20.79
C ALA B 159 0.49 -20.33 21.88
N GLY B 160 -0.81 -20.43 22.10
CA GLY B 160 -1.45 -19.57 23.06
C GLY B 160 -1.49 -18.12 22.63
N GLY B 161 -1.63 -17.87 21.34
CA GLY B 161 -1.64 -16.51 20.81
C GLY B 161 -2.95 -15.80 21.10
N LYS B 162 -3.02 -14.56 20.62
CA LYS B 162 -4.14 -13.67 20.87
C LYS B 162 -4.58 -13.04 19.55
N VAL B 163 -5.81 -12.54 19.54
CA VAL B 163 -6.36 -11.82 18.39
C VAL B 163 -6.86 -10.47 18.87
N LEU B 164 -6.49 -9.41 18.14
CA LEU B 164 -6.91 -8.06 18.45
C LEU B 164 -7.75 -7.50 17.30
N MET B 165 -8.99 -7.11 17.61
CA MET B 165 -9.86 -6.38 16.68
C MET B 165 -9.65 -4.91 17.02
N LEU B 166 -8.86 -4.23 16.20
CA LEU B 166 -8.43 -2.86 16.48
C LEU B 166 -9.31 -1.93 15.64
N GLY B 167 -10.51 -1.66 16.15
CA GLY B 167 -11.50 -0.93 15.39
C GLY B 167 -12.15 -1.73 14.29
N ALA B 168 -11.70 -2.97 14.05
CA ALA B 168 -12.19 -3.78 12.94
C ALA B 168 -13.57 -4.33 13.26
N PRO B 169 -14.43 -4.46 12.25
CA PRO B 169 -15.73 -5.12 12.47
C PRO B 169 -15.54 -6.53 13.00
N LEU B 170 -16.36 -6.89 13.99
CA LEU B 170 -16.12 -8.13 14.72
C LEU B 170 -16.32 -9.36 13.85
N ASP B 171 -17.04 -9.26 12.74
CA ASP B 171 -17.22 -10.44 11.89
C ASP B 171 -16.03 -10.70 10.99
N THR B 172 -14.97 -9.89 11.04
CA THR B 172 -13.77 -10.12 10.25
C THR B 172 -12.71 -10.92 11.01
N LEU B 173 -13.09 -11.54 12.13
CA LEU B 173 -12.16 -12.34 12.93
C LEU B 173 -11.86 -13.67 12.23
N THR B 174 -10.77 -13.69 11.45
CA THR B 174 -10.44 -14.82 10.56
C THR B 174 -10.33 -16.13 11.32
N LEU B 175 -9.79 -16.08 12.54
CA LEU B 175 -9.59 -17.31 13.31
C LEU B 175 -10.88 -18.12 13.46
N LEU B 176 -12.05 -17.48 13.45
CA LEU B 176 -13.29 -18.26 13.60
C LEU B 176 -13.55 -19.15 12.39
N HIS B 177 -12.89 -18.92 11.24
CA HIS B 177 -12.95 -19.91 10.16
C HIS B 177 -12.25 -21.21 10.54
N HIS B 178 -11.28 -21.16 11.44
CA HIS B 178 -10.66 -22.38 11.97
C HIS B 178 -11.65 -23.13 12.86
N ALA B 179 -12.46 -22.40 13.64
CA ALA B 179 -13.54 -23.03 14.40
C ALA B 179 -14.55 -23.70 13.46
N GLU B 180 -14.91 -23.03 12.37
CA GLU B 180 -15.80 -23.62 11.37
C GLU B 180 -15.22 -24.92 10.83
N HIS B 181 -13.92 -24.90 10.50
CA HIS B 181 -13.27 -26.10 10.00
C HIS B 181 -13.36 -27.24 11.02
N LEU B 182 -13.13 -26.93 12.30
CA LEU B 182 -13.07 -27.97 13.33
C LEU B 182 -14.44 -28.51 13.70
N ALA B 183 -15.50 -27.70 13.56
CA ALA B 183 -16.79 -28.05 14.16
C ALA B 183 -17.36 -29.31 13.51
N ASP B 184 -17.81 -30.24 14.35
CA ASP B 184 -18.41 -31.49 13.87
C ASP B 184 -19.89 -31.24 13.58
N ILE B 185 -20.16 -30.69 12.40
CA ILE B 185 -21.53 -30.39 11.99
C ILE B 185 -21.75 -30.78 10.55
N PRO B 186 -22.99 -31.08 10.19
CA PRO B 186 -23.29 -31.48 8.81
C PRO B 186 -23.55 -30.27 7.93
N GLY B 187 -23.53 -30.53 6.62
CA GLY B 187 -23.89 -29.53 5.65
C GLY B 187 -22.83 -28.48 5.35
N LYS B 188 -21.57 -28.76 5.68
CA LYS B 188 -20.50 -27.78 5.47
C LYS B 188 -20.25 -27.56 3.99
N ARG B 189 -20.21 -26.29 3.59
CA ARG B 189 -20.01 -25.93 2.19
C ARG B 189 -18.52 -26.00 1.83
N ILE B 190 -18.25 -26.59 0.67
CA ILE B 190 -16.89 -26.87 0.23
C ILE B 190 -16.62 -26.14 -1.08
N LYS B 191 -15.44 -25.54 -1.19
CA LYS B 191 -15.03 -24.79 -2.34
C LYS B 191 -13.84 -25.47 -3.01
N ARG B 192 -13.85 -25.50 -4.35
CA ARG B 192 -12.71 -25.96 -5.15
C ARG B 192 -12.34 -24.88 -6.15
N ILE B 193 -11.04 -24.55 -6.22
CA ILE B 193 -10.62 -23.52 -7.19
C ILE B 193 -9.20 -23.83 -7.63
N GLU B 194 -8.95 -23.56 -8.90
CA GLU B 194 -7.61 -23.71 -9.46
C GLU B 194 -6.77 -22.49 -9.13
N VAL B 195 -5.53 -22.72 -8.70
CA VAL B 195 -4.63 -21.64 -8.26
C VAL B 195 -3.28 -21.73 -8.98
N PRO B 196 -2.79 -20.64 -9.57
CA PRO B 196 -1.44 -20.62 -10.19
C PRO B 196 -0.37 -20.20 -9.19
N PHE B 197 0.76 -20.93 -9.21
CA PHE B 197 1.89 -20.66 -8.32
C PHE B 197 3.13 -20.32 -9.13
N ALA B 198 3.87 -19.29 -8.70
CA ALA B 198 5.15 -18.93 -9.31
C ALA B 198 6.22 -19.93 -8.90
N THR B 199 7.02 -20.39 -9.87
CA THR B 199 8.12 -21.31 -9.63
C THR B 199 9.28 -20.94 -10.56
N PRO B 200 10.48 -21.46 -10.28
CA PRO B 200 11.63 -21.17 -11.16
C PRO B 200 11.44 -21.51 -12.63
N THR B 201 10.63 -22.51 -12.93
CA THR B 201 10.40 -22.95 -14.30
C THR B 201 9.11 -22.37 -14.90
N GLY B 202 8.42 -21.51 -14.17
CA GLY B 202 7.19 -20.94 -14.67
C GLY B 202 6.03 -21.29 -13.76
N THR B 203 4.84 -20.95 -14.25
CA THR B 203 3.62 -21.13 -13.47
C THR B 203 3.25 -22.60 -13.37
N GLN B 204 2.94 -23.05 -12.14
CA GLN B 204 2.43 -24.38 -11.86
C GLN B 204 1.04 -24.26 -11.25
N TRP B 205 0.07 -24.94 -11.86
CA TRP B 205 -1.32 -24.87 -11.43
C TRP B 205 -1.69 -26.03 -10.53
N ARG B 206 -2.56 -25.74 -9.55
CA ARG B 206 -3.01 -26.77 -8.63
C ARG B 206 -4.46 -26.51 -8.25
N MET B 207 -5.25 -27.57 -8.16
N MET B 207 -5.25 -27.58 -8.17
CA MET B 207 -6.59 -27.44 -7.61
CA MET B 207 -6.59 -27.47 -7.58
C MET B 207 -6.53 -27.44 -6.08
C MET B 207 -6.48 -27.41 -6.07
N ILE B 208 -7.16 -26.44 -5.47
CA ILE B 208 -7.24 -26.28 -4.03
C ILE B 208 -8.66 -26.61 -3.59
N GLU B 209 -8.80 -27.33 -2.48
CA GLU B 209 -10.10 -27.58 -1.87
C GLU B 209 -10.05 -27.15 -0.41
N GLU B 210 -11.15 -26.53 0.07
CA GLU B 210 -11.27 -26.07 1.46
C GLU B 210 -12.75 -25.88 1.77
N PHE B 211 -13.07 -25.75 3.07
CA PHE B 211 -14.41 -25.27 3.40
C PHE B 211 -14.54 -23.82 2.96
N ASP B 212 -15.68 -23.45 2.41
CA ASP B 212 -15.84 -22.10 1.84
C ASP B 212 -15.87 -21.08 2.97
N THR B 213 -14.94 -20.11 2.93
CA THR B 213 -14.89 -19.07 3.96
C THR B 213 -15.49 -17.76 3.47
N GLY B 214 -16.04 -17.74 2.26
CA GLY B 214 -16.66 -16.55 1.72
C GLY B 214 -18.08 -16.32 2.19
N ASP B 215 -18.70 -17.36 2.69
CA ASP B 215 -20.02 -17.30 3.28
C ASP B 215 -19.99 -18.17 4.52
N PRO B 216 -20.99 -18.11 5.40
CA PRO B 216 -20.96 -18.96 6.60
C PRO B 216 -20.83 -20.42 6.20
N ILE B 217 -20.23 -21.21 7.10
CA ILE B 217 -19.87 -22.59 6.80
C ILE B 217 -21.09 -23.43 6.46
N VAL B 218 -22.24 -23.12 7.07
CA VAL B 218 -23.46 -23.87 6.78
C VAL B 218 -24.60 -22.89 6.54
N ALA B 219 -25.68 -23.41 5.95
CA ALA B 219 -26.86 -22.62 5.68
C ALA B 219 -27.55 -22.27 6.99
N GLY B 220 -28.33 -21.19 6.96
CA GLY B 220 -29.09 -20.79 8.14
C GLY B 220 -28.40 -19.78 9.04
N LEU B 221 -27.31 -19.16 8.59
CA LEU B 221 -26.54 -18.22 9.39
C LEU B 221 -26.46 -16.89 8.66
N ALA B 222 -26.56 -15.79 9.43
CA ALA B 222 -26.35 -14.48 8.83
C ALA B 222 -24.90 -14.33 8.40
N GLU B 223 -24.69 -13.49 7.37
CA GLU B 223 -23.35 -13.30 6.84
C GLU B 223 -22.38 -12.79 7.89
N ASP B 224 -22.86 -12.01 8.86
CA ASP B 224 -21.99 -11.44 9.87
C ASP B 224 -22.05 -12.21 11.19
N TYR B 225 -22.43 -13.50 11.15
CA TYR B 225 -22.66 -14.22 12.41
C TYR B 225 -21.42 -14.33 13.29
N PHE B 226 -20.21 -14.21 12.72
CA PHE B 226 -19.04 -14.18 13.59
C PHE B 226 -19.13 -13.08 14.63
N ALA B 227 -19.69 -11.93 14.27
CA ALA B 227 -19.79 -10.81 15.20
C ALA B 227 -20.58 -11.20 16.44
N GLY B 228 -21.69 -11.94 16.25
CA GLY B 228 -22.47 -12.42 17.38
C GLY B 228 -21.73 -13.42 18.25
N ILE B 229 -20.92 -14.30 17.64
CA ILE B 229 -20.11 -15.19 18.44
C ILE B 229 -19.17 -14.39 19.32
N VAL B 230 -18.55 -13.34 18.77
CA VAL B 230 -17.61 -12.54 19.56
C VAL B 230 -18.33 -11.84 20.70
N THR B 231 -19.48 -11.23 20.43
CA THR B 231 -20.18 -10.54 21.52
C THR B 231 -20.69 -11.54 22.57
N GLU B 232 -21.13 -12.74 22.16
CA GLU B 232 -21.51 -13.73 23.17
C GLU B 232 -20.30 -14.17 23.99
N PHE B 233 -19.13 -14.30 23.34
CA PHE B 233 -17.91 -14.62 24.08
C PHE B 233 -17.62 -13.56 25.14
N LEU B 234 -17.77 -12.29 24.76
CA LEU B 234 -17.54 -11.20 25.71
C LEU B 234 -18.57 -11.22 26.83
N ALA B 235 -19.83 -11.49 26.46
CA ALA B 235 -20.91 -11.56 27.44
C ALA B 235 -20.68 -12.69 28.44
N SER B 236 -19.95 -13.72 28.05
CA SER B 236 -19.64 -14.80 28.97
C SER B 236 -18.54 -14.43 29.97
N GLY B 237 -17.98 -13.23 29.90
CA GLY B 237 -16.95 -12.82 30.82
C GLY B 237 -15.53 -13.00 30.33
N GLN B 238 -15.34 -13.42 29.09
CA GLN B 238 -14.01 -13.63 28.54
C GLN B 238 -13.64 -12.44 27.65
N GLY B 239 -12.35 -12.29 27.43
CA GLY B 239 -11.83 -11.27 26.54
C GLY B 239 -11.77 -9.90 27.20
N ARG B 240 -11.14 -8.97 26.49
CA ARG B 240 -10.90 -7.62 26.99
C ARG B 240 -11.38 -6.60 25.97
N GLN B 241 -11.87 -5.46 26.46
CA GLN B 241 -12.44 -4.41 25.62
C GLN B 241 -11.91 -3.06 26.06
N GLY B 242 -11.63 -2.18 25.10
CA GLY B 242 -11.14 -0.85 25.44
C GLY B 242 -10.59 -0.18 24.19
N LEU B 243 -10.30 1.11 24.33
CA LEU B 243 -9.81 1.90 23.21
C LEU B 243 -8.34 1.67 22.94
N ILE B 244 -7.97 1.60 21.67
CA ILE B 244 -6.59 1.68 21.21
C ILE B 244 -6.54 2.92 20.31
N GLY B 245 -5.80 3.94 20.74
CA GLY B 245 -5.98 5.24 20.10
C GLY B 245 -7.44 5.65 20.29
N ALA B 246 -8.10 6.02 19.20
CA ALA B 246 -9.52 6.34 19.27
C ALA B 246 -10.42 5.16 18.97
N ALA B 247 -9.85 3.98 18.71
CA ALA B 247 -10.62 2.88 18.14
C ALA B 247 -11.13 1.93 19.21
N PRO B 248 -12.44 1.68 19.28
CA PRO B 248 -12.95 0.58 20.11
C PRO B 248 -12.33 -0.73 19.67
N SER B 249 -11.84 -1.50 20.64
CA SER B 249 -11.05 -2.68 20.33
C SER B 249 -11.41 -3.84 21.25
N VAL B 250 -11.18 -5.06 20.76
CA VAL B 250 -11.49 -6.30 21.45
C VAL B 250 -10.27 -7.21 21.34
N LEU B 251 -9.80 -7.73 22.47
CA LEU B 251 -8.64 -8.61 22.53
C LEU B 251 -9.09 -9.95 23.11
N VAL B 252 -8.82 -11.05 22.40
CA VAL B 252 -9.30 -12.36 22.83
C VAL B 252 -8.18 -13.39 22.77
N ASP B 253 -8.30 -14.41 23.61
CA ASP B 253 -7.39 -15.53 23.57
C ASP B 253 -7.77 -16.42 22.39
N ALA B 254 -6.78 -16.78 21.57
CA ALA B 254 -7.07 -17.53 20.35
C ALA B 254 -7.65 -18.90 20.69
N ALA B 255 -7.03 -19.63 21.63
CA ALA B 255 -7.53 -20.95 21.99
C ALA B 255 -8.95 -20.86 22.55
N ALA B 256 -9.19 -19.86 23.41
CA ALA B 256 -10.50 -19.73 24.03
C ALA B 256 -11.59 -19.39 23.01
N ILE B 257 -11.35 -18.41 22.14
CA ILE B 257 -12.41 -18.06 21.19
C ILE B 257 -12.64 -19.20 20.19
N THR B 258 -11.60 -19.97 19.85
CA THR B 258 -11.80 -21.10 18.93
C THR B 258 -12.69 -22.16 19.56
N ALA B 259 -12.39 -22.54 20.81
CA ALA B 259 -13.22 -23.54 21.49
C ALA B 259 -14.65 -23.05 21.64
N PHE B 260 -14.81 -21.77 22.00
CA PHE B 260 -16.13 -21.18 22.12
C PHE B 260 -16.90 -21.25 20.81
N GLY B 261 -16.24 -20.91 19.70
CA GLY B 261 -16.92 -20.94 18.42
C GLY B 261 -17.28 -22.35 17.97
N VAL B 262 -16.42 -23.32 18.24
CA VAL B 262 -16.74 -24.72 17.92
C VAL B 262 -17.97 -25.15 18.69
N THR B 263 -17.97 -24.89 20.00
CA THR B 263 -19.12 -25.24 20.84
C THR B 263 -20.38 -24.53 20.36
N TRP B 264 -20.27 -23.24 20.02
CA TRP B 264 -21.41 -22.49 19.50
C TRP B 264 -22.01 -23.15 18.27
N LEU B 265 -21.15 -23.60 17.35
CA LEU B 265 -21.63 -24.22 16.12
C LEU B 265 -22.21 -25.60 16.40
N GLU B 266 -21.55 -26.37 17.26
CA GLU B 266 -22.00 -27.73 17.54
C GLU B 266 -23.28 -27.72 18.36
N LYS B 267 -23.50 -26.70 19.19
CA LYS B 267 -24.79 -26.62 19.89
C LYS B 267 -25.95 -26.45 18.92
N ARG B 268 -25.72 -25.81 17.78
CA ARG B 268 -26.82 -25.42 16.91
C ARG B 268 -27.06 -26.32 15.70
N PHE B 269 -26.09 -27.12 15.23
CA PHE B 269 -26.25 -27.69 13.88
C PHE B 269 -26.07 -29.20 13.62
N GLY B 270 -25.39 -29.99 14.42
CA GLY B 270 -24.87 -29.69 15.74
C GLY B 270 -24.99 -30.96 16.56
CL CL C . -6.31 -0.52 -6.40
CL CL D . -8.77 -9.13 7.21
#